data_2HXI
#
_entry.id   2HXI
#
_cell.length_a   44.338
_cell.length_b   94.868
_cell.length_c   51.835
_cell.angle_alpha   90.00
_cell.angle_beta   95.61
_cell.angle_gamma   90.00
#
_symmetry.space_group_name_H-M   'P 1 21 1'
#
loop_
_entity.id
_entity.type
_entity.pdbx_description
1 polymer 'Putative transcriptional regulator'
2 water water
#
_entity_poly.entity_id   1
_entity_poly.type   'polypeptide(L)'
_entity_poly.pdbx_seq_one_letter_code
;MGSSHHHHHHSSGRENLYFQGHMAGRRRWSTEQILDAAAELLLAGDAETFSVRKLAASLGTDSSSLYRHFRNKTELLRAV
ADRILLSA(MSE)DGYRPEGDWKQRLTAVALRLRESFGQQPQLAAVWGRHGSGGTGSRL(MSE)(MSE)EEVLQALRASG
LPDDEIPARYHRLVILISSLITAEGGFGAVGAQEHEQGMEQFRVAVLGADPERFPALSHFAREIRPLGADRGAAFEEILA
AHLAHLEAAAPGS
;
_entity_poly.pdbx_strand_id   A,B
#
# COMPACT_ATOMS: atom_id res chain seq x y z
N ARG A 28 -11.05 -35.01 3.72
CA ARG A 28 -10.15 -36.06 3.11
C ARG A 28 -9.86 -35.65 1.69
N TRP A 29 -9.25 -34.50 1.41
CA TRP A 29 -7.91 -34.05 1.84
C TRP A 29 -7.62 -33.58 3.27
N SER A 30 -6.38 -33.74 3.71
CA SER A 30 -5.93 -33.18 4.98
C SER A 30 -5.51 -31.75 4.80
N THR A 31 -5.40 -31.05 5.94
CA THR A 31 -4.89 -29.67 5.97
C THR A 31 -3.61 -29.45 5.22
N GLU A 32 -2.61 -30.27 5.53
CA GLU A 32 -1.32 -30.27 4.87
C GLU A 32 -1.44 -30.47 3.38
N GLN A 33 -2.23 -31.44 2.95
CA GLN A 33 -2.41 -31.69 1.53
C GLN A 33 -2.99 -30.46 0.82
N ILE A 34 -4.00 -29.85 1.43
CA ILE A 34 -4.62 -28.66 0.85
C ILE A 34 -3.59 -27.54 0.70
N LEU A 35 -2.84 -27.27 1.77
CA LEU A 35 -1.86 -26.18 1.70
C LEU A 35 -0.69 -26.51 0.78
N ASP A 36 -0.23 -27.78 0.75
CA ASP A 36 0.79 -28.12 -0.24
C ASP A 36 0.27 -27.93 -1.65
N ALA A 37 -1.00 -28.27 -1.87
CA ALA A 37 -1.65 -28.03 -3.17
C ALA A 37 -1.69 -26.52 -3.52
N ALA A 38 -2.02 -25.68 -2.54
CA ALA A 38 -2.08 -24.27 -2.75
C ALA A 38 -0.69 -23.71 -3.07
N ALA A 39 0.33 -24.24 -2.39
CA ALA A 39 1.74 -23.86 -2.63
C ALA A 39 2.21 -24.24 -4.04
N GLU A 40 1.78 -25.39 -4.55
CA GLU A 40 2.04 -25.73 -5.94
C GLU A 40 1.39 -24.69 -6.84
N LEU A 41 0.15 -24.29 -6.56
CA LEU A 41 -0.48 -23.26 -7.42
C LEU A 41 0.30 -21.93 -7.37
N LEU A 42 0.85 -21.59 -6.21
CA LEU A 42 1.65 -20.36 -6.07
C LEU A 42 2.98 -20.49 -6.81
N LEU A 43 3.57 -21.68 -6.78
CA LEU A 43 4.96 -21.88 -7.26
C LEU A 43 4.92 -21.77 -8.76
N ALA A 44 5.94 -21.12 -9.30
CA ALA A 44 5.67 -20.03 -10.23
C ALA A 44 6.05 -20.20 -11.70
N GLY A 45 5.42 -19.38 -12.55
CA GLY A 45 5.47 -19.57 -14.00
C GLY A 45 4.76 -20.88 -14.34
N ASP A 46 3.49 -20.81 -14.74
CA ASP A 46 2.74 -19.55 -14.89
C ASP A 46 2.48 -18.79 -13.56
N ALA A 47 2.07 -19.52 -12.51
CA ALA A 47 1.56 -18.90 -11.29
C ALA A 47 0.57 -17.79 -11.66
N GLU A 48 -0.66 -18.23 -11.97
CA GLU A 48 -1.82 -17.36 -12.06
C GLU A 48 -2.05 -16.69 -10.71
N THR A 49 -2.92 -15.70 -10.67
CA THR A 49 -3.37 -15.13 -9.40
C THR A 49 -4.09 -16.28 -8.64
N PHE A 50 -3.66 -16.53 -7.41
CA PHE A 50 -4.21 -17.64 -6.65
C PHE A 50 -5.72 -17.43 -6.52
N SER A 51 -6.51 -18.51 -6.60
CA SER A 51 -7.88 -18.41 -6.14
C SER A 51 -8.32 -19.70 -5.46
N VAL A 52 -9.08 -19.56 -4.40
CA VAL A 52 -9.60 -20.68 -3.68
C VAL A 52 -10.48 -21.52 -4.62
N ARG A 53 -11.25 -20.84 -5.47
CA ARG A 53 -12.13 -21.63 -6.34
C ARG A 53 -11.34 -22.57 -7.30
N LYS A 54 -10.25 -22.06 -7.85
CA LYS A 54 -9.34 -22.85 -8.67
C LYS A 54 -8.71 -23.96 -7.86
N LEU A 55 -8.21 -23.64 -6.66
CA LEU A 55 -7.69 -24.68 -5.79
C LEU A 55 -8.71 -25.77 -5.51
N ALA A 56 -9.92 -25.38 -5.15
CA ALA A 56 -10.97 -26.37 -4.90
C ALA A 56 -11.31 -27.25 -6.09
N ALA A 57 -11.36 -26.66 -7.30
CA ALA A 57 -11.62 -27.41 -8.55
C ALA A 57 -10.51 -28.41 -8.80
N SER A 58 -9.29 -27.94 -8.59
CA SER A 58 -8.12 -28.77 -8.84
C SER A 58 -8.13 -29.98 -7.88
N LEU A 59 -8.58 -29.76 -6.65
CA LEU A 59 -8.68 -30.77 -5.61
C LEU A 59 -9.94 -31.64 -5.67
N GLY A 60 -10.76 -31.46 -6.72
CA GLY A 60 -12.07 -32.17 -6.83
C GLY A 60 -12.99 -31.95 -5.61
N THR A 61 -12.93 -30.75 -5.06
CA THR A 61 -13.81 -30.44 -3.96
C THR A 61 -14.52 -29.10 -4.24
N ASP A 62 -14.96 -28.39 -3.20
CA ASP A 62 -15.61 -27.11 -3.41
C ASP A 62 -15.09 -26.09 -2.41
N SER A 63 -15.19 -24.83 -2.78
CA SER A 63 -14.67 -23.72 -2.03
C SER A 63 -15.25 -23.73 -0.59
N SER A 64 -16.56 -23.91 -0.46
CA SER A 64 -17.15 -23.85 0.88
C SER A 64 -16.62 -24.95 1.78
N SER A 65 -16.37 -26.13 1.19
CA SER A 65 -15.82 -27.24 1.97
C SER A 65 -14.44 -26.88 2.51
N LEU A 66 -13.62 -26.28 1.65
CA LEU A 66 -12.29 -25.80 2.09
C LEU A 66 -12.43 -24.76 3.19
N TYR A 67 -13.37 -23.83 3.09
CA TYR A 67 -13.53 -22.80 4.15
C TYR A 67 -13.88 -23.44 5.50
N ARG A 68 -14.83 -24.39 5.49
CA ARG A 68 -15.22 -25.13 6.71
C ARG A 68 -14.06 -25.87 7.29
N HIS A 69 -13.25 -26.47 6.41
CA HIS A 69 -12.05 -27.14 6.83
C HIS A 69 -11.18 -26.19 7.64
N PHE A 70 -11.08 -24.95 7.20
CA PHE A 70 -10.17 -23.99 7.84
C PHE A 70 -10.86 -23.04 8.79
N ARG A 71 -12.12 -23.34 9.15
CA ARG A 71 -13.00 -22.45 9.95
C ARG A 71 -13.72 -21.39 9.11
N ASN A 72 -12.95 -20.49 8.51
CA ASN A 72 -13.53 -19.47 7.69
C ASN A 72 -12.60 -19.15 6.55
N LYS A 73 -13.14 -18.46 5.55
CA LYS A 73 -12.42 -18.11 4.36
C LYS A 73 -11.14 -17.36 4.72
N THR A 74 -11.26 -16.43 5.66
CA THR A 74 -10.07 -15.63 6.01
C THR A 74 -8.95 -16.49 6.53
N GLU A 75 -9.24 -17.48 7.37
CA GLU A 75 -8.16 -18.31 7.98
C GLU A 75 -7.52 -19.15 6.89
N LEU A 76 -8.28 -19.58 5.87
CA LEU A 76 -7.64 -20.34 4.75
C LEU A 76 -6.71 -19.38 4.00
N LEU A 77 -7.17 -18.17 3.71
CA LEU A 77 -6.34 -17.23 2.91
C LEU A 77 -5.11 -16.85 3.68
N ARG A 78 -5.27 -16.65 5.00
CA ARG A 78 -4.04 -16.41 5.81
C ARG A 78 -3.05 -17.59 5.78
N ALA A 79 -3.54 -18.84 5.79
CA ALA A 79 -2.68 -20.02 5.83
C ALA A 79 -1.95 -20.10 4.49
N VAL A 80 -2.67 -19.73 3.43
CA VAL A 80 -2.00 -19.71 2.09
C VAL A 80 -0.90 -18.61 2.06
N ALA A 81 -1.22 -17.43 2.57
CA ALA A 81 -0.26 -16.32 2.66
C ALA A 81 0.94 -16.76 3.48
N ASP A 82 0.68 -17.54 4.54
CA ASP A 82 1.82 -17.99 5.40
C ASP A 82 2.80 -18.82 4.59
N ARG A 83 2.29 -19.67 3.68
CA ARG A 83 3.20 -20.41 2.80
C ARG A 83 4.08 -19.52 1.99
N ILE A 84 3.60 -18.32 1.61
CA ILE A 84 4.42 -17.34 0.83
C ILE A 84 5.51 -16.82 1.78
N LEU A 85 5.13 -16.45 3.00
CA LEU A 85 6.17 -16.07 3.97
C LEU A 85 7.20 -17.17 4.26
N LEU A 86 6.73 -18.43 4.35
CA LEU A 86 7.58 -19.57 4.60
C LEU A 86 8.59 -19.66 3.45
N SER A 87 8.05 -19.56 2.24
CA SER A 87 8.90 -19.48 1.03
C SER A 87 9.91 -18.32 1.07
N ALA A 88 9.41 -17.12 1.38
CA ALA A 88 10.29 -15.93 1.49
C ALA A 88 11.47 -16.19 2.46
N MSE A 89 11.23 -16.87 3.55
CA MSE A 89 12.26 -17.04 4.64
C MSE A 89 13.17 -18.25 4.42
O MSE A 89 14.14 -18.43 5.11
CB MSE A 89 11.61 -17.04 6.04
CG MSE A 89 10.88 -15.77 6.29
SE MSE A 89 12.18 -14.23 6.33
CE MSE A 89 13.29 -14.73 7.71
N ASP A 90 12.81 -19.10 3.46
CA ASP A 90 13.46 -20.42 3.27
C ASP A 90 14.94 -20.14 2.96
N GLY A 91 15.86 -20.74 3.70
CA GLY A 91 17.32 -20.61 3.39
C GLY A 91 17.91 -19.34 3.95
N TYR A 92 17.09 -18.53 4.61
CA TYR A 92 17.62 -17.28 5.17
C TYR A 92 18.79 -17.51 6.13
N ARG A 93 19.89 -16.76 5.94
CA ARG A 93 21.03 -16.78 6.85
C ARG A 93 21.37 -15.31 7.13
N PRO A 94 21.38 -14.89 8.40
CA PRO A 94 21.65 -13.48 8.65
C PRO A 94 23.09 -13.16 8.26
N GLU A 95 23.30 -12.02 7.60
CA GLU A 95 24.65 -11.47 7.63
C GLU A 95 24.58 -9.96 7.66
N GLY A 96 25.71 -9.32 7.94
CA GLY A 96 25.74 -7.86 7.82
C GLY A 96 25.02 -7.29 9.06
N ASP A 97 24.82 -5.98 9.03
CA ASP A 97 24.36 -5.23 10.21
C ASP A 97 22.85 -5.36 10.26
N TRP A 98 22.25 -4.84 11.33
CA TRP A 98 20.80 -4.92 11.47
C TRP A 98 20.01 -4.32 10.30
N LYS A 99 20.52 -3.24 9.68
CA LYS A 99 19.84 -2.64 8.50
C LYS A 99 19.86 -3.58 7.32
N GLN A 100 21.06 -4.17 7.06
CA GLN A 100 21.20 -5.12 5.99
C GLN A 100 20.27 -6.27 6.18
N ARG A 101 20.09 -6.73 7.43
CA ARG A 101 19.20 -7.89 7.69
C ARG A 101 17.72 -7.57 7.43
N LEU A 102 17.30 -6.43 7.91
CA LEU A 102 15.94 -5.93 7.63
C LEU A 102 15.72 -5.76 6.13
N THR A 103 16.70 -5.21 5.44
CA THR A 103 16.59 -5.06 3.98
C THR A 103 16.46 -6.43 3.29
N ALA A 104 17.27 -7.39 3.69
CA ALA A 104 17.31 -8.75 3.08
C ALA A 104 15.96 -9.41 3.24
N VAL A 105 15.39 -9.25 4.44
CA VAL A 105 14.05 -9.80 4.71
C VAL A 105 12.98 -9.11 3.82
N ALA A 106 13.02 -7.76 3.76
CA ALA A 106 12.08 -6.96 2.96
C ALA A 106 12.11 -7.40 1.50
N LEU A 107 13.32 -7.59 0.98
CA LEU A 107 13.46 -7.96 -0.42
C LEU A 107 12.95 -9.39 -0.64
N ARG A 108 13.24 -10.32 0.26
CA ARG A 108 12.69 -11.69 0.13
C ARG A 108 11.13 -11.65 0.10
N LEU A 109 10.54 -10.90 1.02
CA LEU A 109 9.06 -10.69 1.03
C LEU A 109 8.51 -10.11 -0.24
N ARG A 110 9.16 -9.06 -0.78
CA ARG A 110 8.66 -8.43 -1.98
C ARG A 110 8.77 -9.46 -3.14
N GLU A 111 9.87 -10.17 -3.22
CA GLU A 111 10.04 -11.16 -4.31
C GLU A 111 8.92 -12.25 -4.24
N SER A 112 8.71 -12.76 -3.03
CA SER A 112 7.78 -13.89 -2.84
C SER A 112 6.33 -13.49 -3.14
N PHE A 113 5.99 -12.24 -2.82
CA PHE A 113 4.59 -11.80 -3.05
C PHE A 113 4.39 -11.23 -4.46
N GLY A 114 5.41 -11.35 -5.30
CA GLY A 114 5.46 -10.63 -6.56
C GLY A 114 4.20 -10.84 -7.38
N GLN A 115 3.84 -12.09 -7.57
CA GLN A 115 2.69 -12.34 -8.43
C GLN A 115 1.41 -12.60 -7.62
N GLN A 116 1.33 -12.09 -6.39
CA GLN A 116 0.20 -12.45 -5.50
C GLN A 116 -0.33 -11.27 -4.71
N PRO A 117 -0.84 -10.26 -5.45
CA PRO A 117 -1.42 -9.06 -4.88
C PRO A 117 -2.55 -9.31 -3.87
N GLN A 118 -3.45 -10.25 -4.18
CA GLN A 118 -4.56 -10.50 -3.23
C GLN A 118 -4.05 -11.03 -1.91
N LEU A 119 -3.09 -11.95 -1.99
CA LEU A 119 -2.57 -12.60 -0.78
C LEU A 119 -1.67 -11.61 -0.01
N ALA A 120 -1.00 -10.70 -0.73
CA ALA A 120 -0.23 -9.67 -0.03
C ALA A 120 -1.13 -8.77 0.86
N ALA A 121 -2.33 -8.44 0.36
CA ALA A 121 -3.30 -7.60 1.03
C ALA A 121 -3.90 -8.29 2.26
N VAL A 122 -4.13 -9.61 2.15
CA VAL A 122 -4.55 -10.43 3.30
C VAL A 122 -3.50 -10.39 4.41
N TRP A 123 -2.24 -10.61 4.02
CA TRP A 123 -1.11 -10.56 4.94
C TRP A 123 -1.06 -9.14 5.60
N GLY A 124 -1.14 -8.13 4.77
CA GLY A 124 -0.98 -6.73 5.21
C GLY A 124 -2.11 -6.35 6.19
N ARG A 125 -3.28 -6.91 5.99
CA ARG A 125 -4.47 -6.56 6.79
C ARG A 125 -4.62 -7.45 8.06
N HIS A 126 -4.32 -8.74 7.94
CA HIS A 126 -4.57 -9.70 9.01
C HIS A 126 -3.37 -10.41 9.53
N GLY A 127 -2.19 -10.19 8.95
CA GLY A 127 -1.05 -11.08 9.22
C GLY A 127 -1.28 -12.49 8.67
N SER A 128 -0.30 -13.36 8.80
CA SER A 128 -0.48 -14.71 8.25
C SER A 128 -0.65 -15.83 9.27
N GLY A 129 -0.29 -15.59 10.52
CA GLY A 129 -0.60 -16.59 11.55
C GLY A 129 0.21 -17.85 11.78
N GLY A 130 1.17 -18.18 10.89
CA GLY A 130 1.84 -19.47 11.02
C GLY A 130 3.32 -19.41 11.12
N THR A 131 3.96 -20.52 10.71
CA THR A 131 5.40 -20.71 10.82
C THR A 131 6.17 -19.67 9.96
N GLY A 132 5.65 -19.35 8.77
CA GLY A 132 6.25 -18.27 7.93
C GLY A 132 6.29 -16.95 8.68
N SER A 133 5.16 -16.57 9.26
CA SER A 133 5.14 -15.34 10.08
C SER A 133 6.09 -15.41 11.23
N ARG A 134 6.14 -16.53 11.90
CA ARG A 134 7.02 -16.71 13.09
C ARG A 134 8.48 -16.45 12.64
N LEU A 135 8.89 -17.09 11.57
CA LEU A 135 10.26 -16.91 11.01
C LEU A 135 10.61 -15.47 10.66
N MSE A 136 9.68 -14.79 9.97
CA MSE A 136 9.83 -13.43 9.54
C MSE A 136 9.92 -12.53 10.73
O MSE A 136 10.83 -11.69 10.85
CB MSE A 136 8.64 -13.03 8.62
CG MSE A 136 8.77 -11.65 7.99
SE MSE A 136 8.02 -10.30 9.27
CE MSE A 136 6.06 -10.84 9.30
N MSE A 137 8.95 -12.72 11.64
CA MSE A 137 8.87 -11.85 12.85
C MSE A 137 10.08 -12.00 13.74
O MSE A 137 10.60 -11.01 14.29
CB MSE A 137 7.61 -12.10 13.59
CG MSE A 137 6.40 -11.74 12.77
SE MSE A 137 4.72 -12.06 13.80
CE MSE A 137 4.91 -10.69 15.28
N GLU A 138 10.54 -13.26 13.91
CA GLU A 138 11.69 -13.48 14.78
C GLU A 138 12.87 -12.69 14.23
N GLU A 139 13.10 -12.77 12.92
CA GLU A 139 14.28 -12.09 12.32
C GLU A 139 14.16 -10.55 12.40
N VAL A 140 12.97 -10.00 12.13
CA VAL A 140 12.76 -8.55 12.16
C VAL A 140 12.94 -8.06 13.61
N LEU A 141 12.34 -8.78 14.56
CA LEU A 141 12.51 -8.41 16.00
C LEU A 141 13.93 -8.50 16.46
N GLN A 142 14.65 -9.56 16.10
CA GLN A 142 16.08 -9.65 16.45
C GLN A 142 16.88 -8.49 15.88
N ALA A 143 16.64 -8.17 14.60
CA ALA A 143 17.32 -7.06 13.96
C ALA A 143 16.96 -5.74 14.61
N LEU A 144 15.70 -5.57 15.00
CA LEU A 144 15.35 -4.35 15.74
C LEU A 144 15.99 -4.28 17.14
N ARG A 145 16.12 -5.41 17.82
CA ARG A 145 16.90 -5.43 19.09
C ARG A 145 18.32 -5.04 18.81
N ALA A 146 18.85 -5.52 17.71
CA ALA A 146 20.25 -5.19 17.33
C ALA A 146 20.50 -3.73 16.98
N SER A 147 19.46 -2.99 16.64
CA SER A 147 19.61 -1.53 16.35
C SER A 147 19.91 -0.71 17.63
N GLY A 148 19.69 -1.31 18.80
CA GLY A 148 19.89 -0.61 20.05
C GLY A 148 18.66 0.21 20.48
N LEU A 149 17.57 0.19 19.69
CA LEU A 149 16.38 0.93 20.12
C LEU A 149 15.89 0.29 21.38
N PRO A 150 15.28 1.09 22.30
CA PRO A 150 14.82 0.59 23.59
C PRO A 150 13.80 -0.51 23.43
N ASP A 151 13.92 -1.51 24.28
CA ASP A 151 13.06 -2.66 24.21
C ASP A 151 11.59 -2.31 24.23
N ASP A 152 11.21 -1.27 24.98
CA ASP A 152 9.79 -0.91 25.09
C ASP A 152 9.16 -0.38 23.82
N GLU A 153 10.00 0.15 22.92
CA GLU A 153 9.59 0.74 21.62
C GLU A 153 9.55 -0.29 20.52
N ILE A 154 10.19 -1.44 20.77
CA ILE A 154 10.41 -2.37 19.67
C ILE A 154 9.12 -2.86 19.02
N PRO A 155 8.11 -3.26 19.80
CA PRO A 155 6.83 -3.65 19.17
C PRO A 155 6.19 -2.57 18.25
N ALA A 156 6.22 -1.29 18.67
CA ALA A 156 5.71 -0.20 17.82
C ALA A 156 6.60 -0.01 16.59
N ARG A 157 7.92 -0.02 16.77
CA ARG A 157 8.83 0.04 15.62
C ARG A 157 8.58 -1.09 14.60
N TYR A 158 8.40 -2.30 15.12
CA TYR A 158 8.02 -3.45 14.32
C TYR A 158 6.71 -3.17 13.50
N HIS A 159 5.67 -2.78 14.19
CA HIS A 159 4.32 -2.52 13.60
C HIS A 159 4.43 -1.51 12.46
N ARG A 160 5.15 -0.43 12.70
CA ARG A 160 5.34 0.59 11.64
C ARG A 160 6.14 0.04 10.49
N LEU A 161 7.19 -0.73 10.79
CA LEU A 161 8.06 -1.20 9.69
C LEU A 161 7.33 -2.20 8.83
N VAL A 162 6.60 -3.10 9.46
CA VAL A 162 5.91 -4.10 8.66
C VAL A 162 4.68 -3.53 7.95
N ILE A 163 4.03 -2.55 8.58
CA ILE A 163 3.02 -1.76 7.81
C ILE A 163 3.67 -1.15 6.57
N LEU A 164 4.83 -0.52 6.71
CA LEU A 164 5.49 0.07 5.54
C LEU A 164 5.75 -0.94 4.44
N ILE A 165 6.43 -2.03 4.80
CA ILE A 165 6.85 -3.08 3.83
C ILE A 165 5.62 -3.68 3.16
N SER A 166 4.65 -4.11 3.97
CA SER A 166 3.46 -4.75 3.37
C SER A 166 2.64 -3.80 2.52
N SER A 167 2.53 -2.55 2.96
CA SER A 167 1.76 -1.55 2.18
C SER A 167 2.42 -1.35 0.81
N LEU A 168 3.75 -1.20 0.77
CA LEU A 168 4.45 -0.99 -0.50
C LEU A 168 4.24 -2.20 -1.45
N ILE A 169 4.33 -3.39 -0.90
CA ILE A 169 4.19 -4.63 -1.69
C ILE A 169 2.74 -4.74 -2.21
N THR A 170 1.78 -4.48 -1.34
CA THR A 170 0.35 -4.58 -1.72
C THR A 170 0.02 -3.57 -2.81
N ALA A 171 0.57 -2.37 -2.70
CA ALA A 171 0.29 -1.36 -3.74
C ALA A 171 1.00 -1.65 -5.06
N GLU A 172 2.10 -2.41 -5.01
CA GLU A 172 2.91 -2.70 -6.20
C GLU A 172 2.33 -3.80 -7.06
N GLY A 173 2.39 -5.04 -6.55
CA GLY A 173 1.74 -6.16 -7.23
C GLY A 173 0.42 -5.60 -7.70
N GLY A 174 0.05 -5.92 -8.94
CA GLY A 174 -1.17 -5.35 -9.54
C GLY A 174 -2.42 -6.04 -9.02
N PHE A 190 8.97 8.83 -21.39
CA PHE A 190 8.03 8.38 -22.41
C PHE A 190 6.55 8.47 -21.95
N ARG A 191 6.26 8.06 -20.71
CA ARG A 191 4.90 8.18 -20.15
C ARG A 191 4.91 9.21 -19.02
N VAL A 192 3.80 9.91 -18.87
CA VAL A 192 3.73 10.94 -17.80
C VAL A 192 2.50 10.77 -16.93
N ALA A 193 2.61 11.26 -15.70
CA ALA A 193 1.47 11.42 -14.80
C ALA A 193 0.41 12.41 -15.32
N VAL A 194 0.83 13.58 -15.78
CA VAL A 194 -0.13 14.60 -16.32
C VAL A 194 0.44 15.18 -17.61
N LEU A 195 -0.43 15.40 -18.59
CA LEU A 195 0.00 15.87 -19.92
C LEU A 195 0.13 17.39 -19.83
N GLY A 196 1.28 17.84 -19.30
CA GLY A 196 1.48 19.28 -19.01
C GLY A 196 0.54 19.84 -17.95
N ALA A 197 0.59 21.15 -17.76
CA ALA A 197 -0.25 21.88 -16.84
C ALA A 197 -0.24 23.38 -17.12
N ASP A 198 -1.37 24.03 -16.90
CA ASP A 198 -1.48 25.47 -17.10
C ASP A 198 -0.39 26.23 -16.24
N PRO A 199 0.59 26.89 -16.89
CA PRO A 199 1.67 27.48 -16.05
C PRO A 199 1.19 28.66 -15.21
N GLU A 200 0.04 29.23 -15.55
CA GLU A 200 -0.55 30.29 -14.71
C GLU A 200 -1.04 29.73 -13.37
N ARG A 201 -1.77 28.62 -13.42
CA ARG A 201 -2.34 28.04 -12.20
C ARG A 201 -1.40 27.04 -11.50
N PHE A 202 -0.54 26.40 -12.28
CA PHE A 202 0.36 25.33 -11.78
C PHE A 202 1.80 25.59 -12.25
N PRO A 203 2.42 26.71 -11.78
CA PRO A 203 3.71 27.08 -12.35
C PRO A 203 4.80 26.08 -12.12
N ALA A 204 4.90 25.48 -10.92
CA ALA A 204 5.91 24.41 -10.71
C ALA A 204 5.68 23.12 -11.49
N LEU A 205 4.43 22.63 -11.48
CA LEU A 205 4.09 21.42 -12.18
C LEU A 205 4.30 21.62 -13.70
N SER A 206 3.98 22.80 -14.20
CA SER A 206 4.18 23.04 -15.61
C SER A 206 5.67 22.84 -15.99
N HIS A 207 6.58 23.25 -15.10
CA HIS A 207 7.97 23.08 -15.34
C HIS A 207 8.39 21.62 -15.33
N PHE A 208 7.91 20.86 -14.32
CA PHE A 208 8.39 19.49 -14.06
C PHE A 208 7.61 18.41 -14.84
N ALA A 209 6.49 18.79 -15.46
CA ALA A 209 5.51 17.80 -15.90
C ALA A 209 6.12 16.69 -16.75
N ARG A 210 6.91 17.05 -17.73
CA ARG A 210 7.53 16.00 -18.58
C ARG A 210 8.37 14.95 -17.84
N GLU A 211 8.94 15.34 -16.70
CA GLU A 211 9.82 14.47 -15.94
C GLU A 211 9.11 13.66 -14.87
N ILE A 212 7.82 13.90 -14.65
CA ILE A 212 7.09 13.13 -13.65
C ILE A 212 6.47 11.89 -14.25
N ARG A 213 6.88 10.75 -13.69
CA ARG A 213 6.51 9.42 -14.20
C ARG A 213 5.14 9.06 -13.65
N PRO A 214 4.39 8.15 -14.32
CA PRO A 214 3.09 7.79 -13.73
C PRO A 214 3.30 7.11 -12.37
N LEU A 215 2.32 7.23 -11.48
CA LEU A 215 2.44 6.66 -10.11
C LEU A 215 2.88 5.18 -10.03
N GLY A 216 2.58 4.37 -11.05
CA GLY A 216 2.91 2.94 -10.98
C GLY A 216 4.26 2.55 -11.56
N ALA A 217 5.03 3.54 -12.01
CA ALA A 217 6.32 3.24 -12.63
C ALA A 217 7.44 3.05 -11.61
N ASP A 218 8.43 2.23 -11.96
CA ASP A 218 9.69 2.15 -11.23
C ASP A 218 9.48 1.72 -9.75
N ARG A 219 8.53 0.81 -9.51
CA ARG A 219 8.16 0.41 -8.13
C ARG A 219 9.26 -0.25 -7.30
N GLY A 220 10.09 -1.07 -7.95
CA GLY A 220 11.16 -1.77 -7.26
C GLY A 220 12.21 -0.85 -6.67
N ALA A 221 12.67 0.10 -7.50
CA ALA A 221 13.63 1.08 -7.04
C ALA A 221 12.99 1.87 -5.89
N ALA A 222 11.72 2.21 -6.07
CA ALA A 222 11.05 3.08 -5.07
C ALA A 222 10.95 2.31 -3.75
N PHE A 223 10.66 1.00 -3.83
CA PHE A 223 10.58 0.13 -2.59
C PHE A 223 11.90 0.27 -1.83
N GLU A 224 13.01 0.08 -2.55
CA GLU A 224 14.31 0.09 -1.87
C GLU A 224 14.73 1.42 -1.21
N GLU A 225 14.42 2.49 -1.93
CA GLU A 225 14.77 3.86 -1.48
C GLU A 225 13.90 4.28 -0.28
N ILE A 226 12.63 3.92 -0.36
CA ILE A 226 11.70 4.25 0.67
C ILE A 226 12.06 3.47 1.95
N LEU A 227 12.31 2.16 1.77
CA LEU A 227 12.74 1.36 2.96
C LEU A 227 14.03 1.92 3.58
N ALA A 228 15.03 2.18 2.73
CA ALA A 228 16.29 2.77 3.20
C ALA A 228 16.09 4.06 4.01
N ALA A 229 15.15 4.90 3.61
CA ALA A 229 14.86 6.17 4.27
C ALA A 229 14.25 5.86 5.63
N HIS A 230 13.40 4.86 5.70
CA HIS A 230 12.81 4.50 6.97
C HIS A 230 13.89 3.95 7.94
N LEU A 231 14.75 3.07 7.46
CA LEU A 231 15.85 2.50 8.32
C LEU A 231 16.82 3.58 8.78
N ALA A 232 17.03 4.59 7.91
CA ALA A 232 17.91 5.74 8.24
C ALA A 232 17.30 6.52 9.42
N HIS A 233 15.97 6.71 9.43
CA HIS A 233 15.26 7.23 10.59
C HIS A 233 15.41 6.39 11.88
N LEU A 234 15.31 5.07 11.76
CA LEU A 234 15.46 4.22 12.91
C LEU A 234 16.92 4.36 13.45
N GLU A 235 17.88 4.42 12.55
CA GLU A 235 19.32 4.59 12.95
C GLU A 235 19.47 5.90 13.70
N ALA A 236 18.84 6.96 13.18
CA ALA A 236 18.93 8.30 13.82
C ALA A 236 18.25 8.31 15.15
N ALA A 237 17.20 7.52 15.34
CA ALA A 237 16.51 7.55 16.61
C ALA A 237 17.22 6.73 17.65
N ALA A 238 18.11 5.82 17.21
CA ALA A 238 18.68 4.84 18.14
C ALA A 238 19.80 5.48 18.97
N PRO A 239 19.93 5.05 20.24
CA PRO A 239 20.95 5.61 21.15
C PRO A 239 22.38 5.13 20.78
N ARG B 27 -29.91 19.66 -22.62
CA ARG B 27 -30.15 18.74 -21.47
C ARG B 27 -29.10 17.61 -21.41
N ARG B 28 -27.83 17.98 -21.26
CA ARG B 28 -26.84 16.98 -20.87
C ARG B 28 -25.75 17.42 -19.85
N TRP B 29 -25.35 16.44 -19.03
CA TRP B 29 -24.46 16.70 -17.92
C TRP B 29 -23.04 16.90 -18.42
N SER B 30 -22.24 17.70 -17.72
CA SER B 30 -20.81 17.75 -18.04
C SER B 30 -20.16 16.49 -17.46
N THR B 31 -18.94 16.22 -17.89
CA THR B 31 -18.10 15.13 -17.36
C THR B 31 -17.94 15.37 -15.87
N GLU B 32 -17.58 16.61 -15.51
CA GLU B 32 -17.49 16.99 -14.09
C GLU B 32 -18.71 16.59 -13.24
N GLN B 33 -19.92 16.92 -13.69
CA GLN B 33 -21.16 16.50 -13.03
C GLN B 33 -21.36 14.95 -12.91
N ILE B 34 -21.07 14.25 -14.00
CA ILE B 34 -21.10 12.80 -14.02
C ILE B 34 -20.14 12.24 -12.93
N LEU B 35 -18.91 12.76 -12.91
CA LEU B 35 -17.88 12.26 -11.98
C LEU B 35 -18.28 12.49 -10.52
N ASP B 36 -18.85 13.66 -10.23
CA ASP B 36 -19.36 14.00 -8.91
C ASP B 36 -20.56 13.14 -8.49
N ALA B 37 -21.44 12.83 -9.44
CA ALA B 37 -22.54 11.90 -9.11
C ALA B 37 -21.97 10.55 -8.76
N ALA B 38 -20.97 10.11 -9.55
CA ALA B 38 -20.37 8.82 -9.32
C ALA B 38 -19.68 8.74 -7.95
N ALA B 39 -18.99 9.81 -7.59
CA ALA B 39 -18.29 9.87 -6.28
C ALA B 39 -19.28 9.60 -5.13
N GLU B 40 -20.45 10.22 -5.24
CA GLU B 40 -21.41 10.08 -4.18
C GLU B 40 -21.95 8.68 -4.18
N LEU B 41 -22.28 8.14 -5.35
CA LEU B 41 -22.77 6.77 -5.40
C LEU B 41 -21.81 5.79 -4.80
N LEU B 42 -20.51 6.00 -5.06
CA LEU B 42 -19.46 5.18 -4.53
C LEU B 42 -19.27 5.24 -3.00
N LEU B 43 -19.63 6.35 -2.38
CA LEU B 43 -19.63 6.47 -0.93
C LEU B 43 -20.46 5.32 -0.39
N ALA B 44 -21.79 5.52 -0.37
CA ALA B 44 -22.70 4.58 0.26
C ALA B 44 -22.87 3.42 -0.68
N GLY B 45 -22.23 2.31 -0.34
CA GLY B 45 -22.18 1.17 -1.22
C GLY B 45 -23.35 0.22 -1.04
N ASP B 46 -23.05 -1.07 -0.87
CA ASP B 46 -21.67 -1.54 -0.78
C ASP B 46 -21.58 -3.00 -1.22
N ALA B 47 -20.62 -3.35 -2.09
CA ALA B 47 -19.63 -2.44 -2.66
C ALA B 47 -19.55 -2.66 -4.18
N THR B 49 -22.06 -3.19 -5.56
CA THR B 49 -23.10 -2.16 -5.71
C THR B 49 -22.93 -1.15 -6.88
N PHE B 50 -21.77 -0.48 -6.98
CA PHE B 50 -21.59 0.53 -8.03
C PHE B 50 -21.46 -0.07 -9.41
N SER B 51 -22.17 0.50 -10.38
CA SER B 51 -22.04 0.12 -11.79
C SER B 51 -22.27 1.30 -12.69
N VAL B 52 -21.81 1.15 -13.94
CA VAL B 52 -22.10 2.15 -14.92
C VAL B 52 -23.64 2.30 -15.13
N ARG B 53 -24.32 1.14 -15.18
CA ARG B 53 -25.78 1.12 -15.28
C ARG B 53 -26.46 1.98 -14.23
N LYS B 54 -26.08 1.80 -12.96
CA LYS B 54 -26.65 2.60 -11.84
C LYS B 54 -26.31 4.08 -11.97
N LEU B 55 -25.06 4.37 -12.36
CA LEU B 55 -24.65 5.74 -12.54
C LEU B 55 -25.52 6.39 -13.63
N ALA B 56 -25.72 5.68 -14.75
CA ALA B 56 -26.50 6.25 -15.87
C ALA B 56 -27.95 6.57 -15.45
N ALA B 57 -28.50 5.62 -14.72
CA ALA B 57 -29.86 5.68 -14.23
C ALA B 57 -30.05 6.86 -13.29
N SER B 58 -29.06 7.13 -12.45
CA SER B 58 -29.11 8.28 -11.55
C SER B 58 -29.08 9.61 -12.31
N LEU B 59 -28.51 9.62 -13.50
CA LEU B 59 -28.39 10.83 -14.30
C LEU B 59 -29.53 10.99 -15.30
N GLY B 60 -30.40 10.00 -15.33
CA GLY B 60 -31.55 9.95 -16.25
C GLY B 60 -31.07 9.78 -17.68
N THR B 61 -30.02 8.96 -17.83
CA THR B 61 -29.45 8.80 -19.11
C THR B 61 -29.17 7.32 -19.31
N ASP B 62 -28.46 6.96 -20.35
CA ASP B 62 -28.17 5.52 -20.48
C ASP B 62 -26.68 5.23 -20.53
N SER B 63 -26.33 3.95 -20.35
CA SER B 63 -24.94 3.58 -20.22
C SER B 63 -24.26 3.94 -21.53
N SER B 64 -24.91 3.69 -22.67
CA SER B 64 -24.24 4.01 -23.93
C SER B 64 -23.88 5.52 -24.01
N SER B 65 -24.71 6.39 -23.46
CA SER B 65 -24.45 7.84 -23.47
C SER B 65 -23.30 8.25 -22.57
N LEU B 66 -23.12 7.53 -21.47
CA LEU B 66 -22.08 7.88 -20.54
C LEU B 66 -20.74 7.61 -21.11
N TYR B 67 -20.64 6.55 -21.92
CA TYR B 67 -19.35 6.16 -22.49
C TYR B 67 -18.84 7.05 -23.59
N ARG B 68 -19.63 8.06 -23.91
CA ARG B 68 -19.12 9.15 -24.75
C ARG B 68 -18.11 9.96 -23.95
N HIS B 69 -18.17 9.83 -22.64
CA HIS B 69 -17.33 10.65 -21.75
C HIS B 69 -16.03 9.99 -21.31
N PHE B 70 -16.01 8.67 -21.31
CA PHE B 70 -14.88 7.88 -20.78
C PHE B 70 -14.60 6.72 -21.68
N ARG B 71 -13.32 6.58 -22.07
CA ARG B 71 -12.91 5.48 -22.90
C ARG B 71 -13.44 4.12 -22.38
N ASN B 72 -13.54 3.95 -21.05
CA ASN B 72 -13.93 2.65 -20.42
C ASN B 72 -14.16 2.80 -18.90
N LYS B 73 -14.55 1.72 -18.22
CA LYS B 73 -14.79 1.81 -16.80
C LYS B 73 -13.58 2.15 -15.91
N THR B 74 -12.35 1.71 -16.28
CA THR B 74 -11.23 2.05 -15.42
C THR B 74 -10.88 3.50 -15.64
N GLU B 75 -11.10 4.01 -16.86
CA GLU B 75 -10.86 5.43 -17.14
C GLU B 75 -11.89 6.28 -16.39
N LEU B 76 -13.11 5.75 -16.31
CA LEU B 76 -14.18 6.40 -15.54
C LEU B 76 -13.78 6.45 -14.06
N LEU B 77 -13.41 5.32 -13.47
CA LEU B 77 -12.95 5.26 -12.06
C LEU B 77 -11.73 6.11 -11.77
N ARG B 78 -10.74 6.14 -12.65
CA ARG B 78 -9.61 7.07 -12.47
C ARG B 78 -10.09 8.50 -12.44
N ALA B 79 -11.06 8.82 -13.31
CA ALA B 79 -11.54 10.16 -13.44
C ALA B 79 -12.31 10.53 -12.18
N VAL B 80 -13.04 9.57 -11.64
CA VAL B 80 -13.70 9.83 -10.36
C VAL B 80 -12.64 9.98 -9.21
N ALA B 81 -11.60 9.16 -9.21
CA ALA B 81 -10.53 9.28 -8.16
C ALA B 81 -9.93 10.70 -8.24
N ASP B 82 -9.81 11.26 -9.43
CA ASP B 82 -9.36 12.66 -9.56
C ASP B 82 -10.26 13.63 -8.82
N ARG B 83 -11.58 13.40 -8.84
CA ARG B 83 -12.47 14.27 -8.12
C ARG B 83 -12.20 14.25 -6.63
N ILE B 84 -11.79 13.07 -6.12
CA ILE B 84 -11.44 12.94 -4.70
C ILE B 84 -10.19 13.75 -4.37
N LEU B 85 -9.18 13.69 -5.23
CA LEU B 85 -8.05 14.61 -5.04
C LEU B 85 -8.53 16.07 -5.00
N LEU B 86 -9.46 16.43 -5.91
CA LEU B 86 -9.88 17.80 -6.00
C LEU B 86 -10.52 18.25 -4.71
N SER B 87 -11.40 17.40 -4.16
CA SER B 87 -12.02 17.76 -2.89
C SER B 87 -11.03 17.72 -1.72
N ALA B 88 -10.03 16.83 -1.80
CA ALA B 88 -9.00 16.84 -0.75
C ALA B 88 -8.39 18.22 -0.62
N MSE B 89 -8.26 18.92 -1.75
CA MSE B 89 -7.51 20.15 -1.85
C MSE B 89 -8.44 21.35 -1.65
O MSE B 89 -7.98 22.48 -1.55
CB MSE B 89 -6.76 20.22 -3.20
CG MSE B 89 -5.66 19.12 -3.37
SE MSE B 89 -4.31 19.21 -1.86
CE MSE B 89 -3.49 20.89 -2.23
N ASP B 90 -9.74 21.04 -1.47
CA ASP B 90 -10.78 22.02 -1.13
C ASP B 90 -10.50 22.85 0.08
N GLY B 91 -10.24 24.12 -0.23
CA GLY B 91 -10.00 25.10 0.82
C GLY B 91 -8.60 24.99 1.38
N TYR B 92 -7.70 24.33 0.65
CA TYR B 92 -6.32 24.21 1.15
C TYR B 92 -5.59 25.52 0.98
N ARG B 93 -4.83 25.92 2.01
CA ARG B 93 -3.93 27.06 1.94
C ARG B 93 -2.56 26.62 2.43
N PRO B 94 -1.48 26.98 1.70
CA PRO B 94 -0.11 26.52 2.00
C PRO B 94 0.59 27.07 3.21
N GLU B 95 0.00 26.93 4.40
CA GLU B 95 0.59 27.53 5.57
C GLU B 95 1.71 26.70 6.21
N GLY B 96 2.59 27.37 6.97
CA GLY B 96 3.60 26.64 7.73
C GLY B 96 4.78 26.27 6.86
N ASP B 97 5.70 25.49 7.42
CA ASP B 97 6.96 25.23 6.71
C ASP B 97 6.74 24.09 5.67
N TRP B 98 7.76 23.83 4.85
CA TRP B 98 7.58 22.81 3.80
C TRP B 98 7.17 21.43 4.30
N LYS B 99 7.67 21.03 5.47
CA LYS B 99 7.34 19.73 6.05
C LYS B 99 5.89 19.75 6.56
N GLN B 100 5.45 20.89 7.14
CA GLN B 100 4.07 21.01 7.60
C GLN B 100 3.09 20.93 6.40
N ARG B 101 3.50 21.53 5.28
CA ARG B 101 2.68 21.57 4.05
C ARG B 101 2.56 20.17 3.47
N LEU B 102 3.65 19.44 3.39
CA LEU B 102 3.60 18.08 2.81
C LEU B 102 2.76 17.18 3.72
N THR B 103 2.86 17.40 5.03
CA THR B 103 2.11 16.58 6.02
C THR B 103 0.63 16.89 5.89
N ALA B 104 0.31 18.17 5.76
CA ALA B 104 -1.08 18.61 5.59
C ALA B 104 -1.73 18.02 4.34
N VAL B 105 -1.03 18.07 3.23
CA VAL B 105 -1.55 17.43 2.04
C VAL B 105 -1.76 15.90 2.25
N ALA B 106 -0.73 15.17 2.71
CA ALA B 106 -0.83 13.74 2.96
C ALA B 106 -2.08 13.44 3.88
N LEU B 107 -2.29 14.25 4.93
CA LEU B 107 -3.45 13.99 5.81
C LEU B 107 -4.76 14.22 5.09
N ARG B 108 -4.80 15.28 4.24
CA ARG B 108 -6.03 15.61 3.53
C ARG B 108 -6.33 14.46 2.58
N LEU B 109 -5.31 13.93 1.93
CA LEU B 109 -5.54 12.85 1.00
C LEU B 109 -6.03 11.63 1.74
N ARG B 110 -5.43 11.32 2.91
CA ARG B 110 -5.83 10.14 3.64
C ARG B 110 -7.32 10.31 4.08
N GLU B 111 -7.66 11.53 4.54
CA GLU B 111 -9.03 11.75 5.02
C GLU B 111 -10.01 11.62 3.88
N SER B 112 -9.71 12.26 2.75
CA SER B 112 -10.60 12.19 1.60
C SER B 112 -10.85 10.78 1.08
N PHE B 113 -9.81 9.96 1.07
CA PHE B 113 -9.99 8.57 0.64
C PHE B 113 -10.61 7.64 1.72
N GLY B 114 -10.71 8.15 2.95
CA GLY B 114 -11.16 7.34 4.11
C GLY B 114 -12.45 6.58 3.84
N GLN B 115 -13.43 7.24 3.24
CA GLN B 115 -14.69 6.55 2.97
C GLN B 115 -14.82 6.13 1.50
N GLN B 116 -13.69 6.14 0.77
CA GLN B 116 -13.68 5.82 -0.65
C GLN B 116 -12.63 4.75 -0.96
N PRO B 117 -12.73 3.58 -0.32
CA PRO B 117 -11.74 2.50 -0.48
C PRO B 117 -11.54 2.03 -1.91
N GLN B 118 -12.62 1.87 -2.67
CA GLN B 118 -12.50 1.46 -4.06
C GLN B 118 -11.66 2.46 -4.92
N LEU B 119 -11.98 3.74 -4.77
CA LEU B 119 -11.27 4.79 -5.51
C LEU B 119 -9.82 4.88 -5.01
N ALA B 120 -9.60 4.58 -3.74
CA ALA B 120 -8.25 4.65 -3.15
C ALA B 120 -7.35 3.67 -3.89
N ALA B 121 -7.89 2.49 -4.16
CA ALA B 121 -7.20 1.42 -4.91
C ALA B 121 -6.86 1.84 -6.36
N VAL B 122 -7.82 2.43 -7.03
CA VAL B 122 -7.67 2.85 -8.39
C VAL B 122 -6.58 3.90 -8.43
N TRP B 123 -6.64 4.87 -7.51
CA TRP B 123 -5.67 5.97 -7.56
C TRP B 123 -4.27 5.45 -7.26
N GLY B 124 -4.18 4.57 -6.26
CA GLY B 124 -2.91 4.02 -5.83
C GLY B 124 -2.27 3.23 -6.97
N ARG B 125 -3.08 2.77 -7.92
CA ARG B 125 -2.58 2.00 -9.05
C ARG B 125 -2.27 2.82 -10.30
N HIS B 126 -3.20 3.67 -10.70
CA HIS B 126 -3.00 4.40 -11.94
C HIS B 126 -2.65 5.90 -11.75
N GLY B 127 -2.80 6.43 -10.52
CA GLY B 127 -2.87 7.87 -10.35
C GLY B 127 -4.04 8.49 -11.12
N SER B 128 -4.04 9.81 -11.28
CA SER B 128 -5.07 10.46 -12.10
C SER B 128 -4.40 11.60 -12.82
N GLY B 129 -5.02 12.07 -13.91
CA GLY B 129 -4.39 13.06 -14.77
C GLY B 129 -5.10 14.38 -14.92
N GLY B 130 -6.03 14.69 -14.00
CA GLY B 130 -6.83 15.87 -14.09
C GLY B 130 -6.50 16.96 -13.08
N THR B 131 -7.47 17.87 -12.90
CA THR B 131 -7.33 19.06 -12.08
C THR B 131 -6.99 18.75 -10.63
N GLY B 132 -7.62 17.72 -10.06
CA GLY B 132 -7.31 17.33 -8.67
C GLY B 132 -5.85 16.93 -8.51
N SER B 133 -5.38 16.11 -9.44
CA SER B 133 -4.01 15.67 -9.39
C SER B 133 -3.15 16.89 -9.56
N ARG B 134 -3.52 17.78 -10.50
CA ARG B 134 -2.70 18.97 -10.70
C ARG B 134 -2.55 19.85 -9.43
N LEU B 135 -3.65 20.13 -8.74
CA LEU B 135 -3.57 20.93 -7.52
C LEU B 135 -2.72 20.27 -6.46
N MSE B 136 -2.87 18.97 -6.33
CA MSE B 136 -2.10 18.23 -5.32
C MSE B 136 -0.62 18.24 -5.70
O MSE B 136 0.25 18.52 -4.85
CB MSE B 136 -2.67 16.79 -5.13
CG MSE B 136 -1.79 15.94 -4.15
SE MSE B 136 -0.24 15.12 -4.91
CE MSE B 136 -1.07 13.85 -6.17
N MSE B 137 -0.32 17.92 -6.98
CA MSE B 137 1.03 17.93 -7.45
C MSE B 137 1.69 19.27 -7.33
O MSE B 137 2.85 19.31 -6.92
CB MSE B 137 1.08 17.43 -8.88
CG MSE B 137 0.79 15.93 -8.89
SE MSE B 137 0.52 15.43 -10.81
CE MSE B 137 2.32 15.03 -11.08
N GLU B 138 0.94 20.37 -7.66
CA GLU B 138 1.50 21.73 -7.61
C GLU B 138 1.98 21.99 -6.15
N GLU B 139 1.14 21.65 -5.17
CA GLU B 139 1.54 21.96 -3.79
C GLU B 139 2.72 21.10 -3.33
N VAL B 140 2.71 19.80 -3.65
CA VAL B 140 3.84 18.95 -3.26
C VAL B 140 5.16 19.48 -3.87
N LEU B 141 5.10 19.83 -5.15
CA LEU B 141 6.29 20.28 -5.84
C LEU B 141 6.77 21.65 -5.29
N GLN B 142 5.85 22.57 -4.99
CA GLN B 142 6.23 23.87 -4.42
C GLN B 142 6.87 23.62 -3.04
N ALA B 143 6.25 22.75 -2.26
CA ALA B 143 6.84 22.38 -0.94
C ALA B 143 8.26 21.79 -1.04
N LEU B 144 8.45 20.88 -2.00
CA LEU B 144 9.78 20.29 -2.23
C LEU B 144 10.80 21.39 -2.68
N ARG B 145 10.35 22.34 -3.53
CA ARG B 145 11.24 23.45 -3.85
C ARG B 145 11.58 24.27 -2.65
N ALA B 146 10.56 24.50 -1.82
CA ALA B 146 10.74 25.30 -0.59
C ALA B 146 11.77 24.73 0.38
N SER B 147 11.92 23.41 0.36
CA SER B 147 12.89 22.69 1.20
C SER B 147 14.33 23.05 0.83
N GLY B 148 14.54 23.56 -0.37
CA GLY B 148 15.93 23.62 -0.90
C GLY B 148 16.52 22.46 -1.67
N LEU B 149 15.80 21.33 -1.72
CA LEU B 149 16.24 20.17 -2.49
C LEU B 149 16.54 20.63 -3.92
N PRO B 150 17.62 20.10 -4.54
CA PRO B 150 17.86 20.58 -5.91
C PRO B 150 16.75 20.21 -6.90
N ASP B 151 16.38 21.13 -7.81
CA ASP B 151 15.36 20.87 -8.85
C ASP B 151 15.54 19.60 -9.61
N ASP B 152 16.79 19.35 -9.99
CA ASP B 152 17.08 18.17 -10.77
C ASP B 152 16.55 16.93 -10.04
N GLU B 153 16.56 16.96 -8.69
CA GLU B 153 16.20 15.77 -7.87
C GLU B 153 14.70 15.70 -7.56
N ILE B 154 14.02 16.82 -7.71
CA ILE B 154 12.61 16.93 -7.28
C ILE B 154 11.66 15.90 -7.89
N PRO B 155 11.71 15.66 -9.20
CA PRO B 155 10.77 14.63 -9.74
C PRO B 155 10.95 13.25 -9.07
N ALA B 156 12.21 12.83 -8.85
CA ALA B 156 12.42 11.53 -8.21
C ALA B 156 11.92 11.55 -6.75
N ARG B 157 12.19 12.63 -6.05
CA ARG B 157 11.75 12.82 -4.63
C ARG B 157 10.21 12.81 -4.54
N TYR B 158 9.58 13.59 -5.43
CA TYR B 158 8.16 13.55 -5.62
C TYR B 158 7.62 12.13 -5.81
N HIS B 159 8.20 11.41 -6.76
CA HIS B 159 7.73 10.06 -7.12
C HIS B 159 7.70 9.14 -5.86
N ARG B 160 8.79 9.10 -5.12
CA ARG B 160 8.88 8.27 -3.91
C ARG B 160 7.89 8.70 -2.81
N LEU B 161 7.75 10.01 -2.68
CA LEU B 161 6.88 10.53 -1.63
C LEU B 161 5.44 10.13 -1.92
N VAL B 162 4.99 10.30 -3.15
CA VAL B 162 3.60 9.95 -3.52
C VAL B 162 3.38 8.46 -3.59
N ILE B 163 4.35 7.71 -4.08
CA ILE B 163 4.27 6.23 -3.92
C ILE B 163 4.06 5.86 -2.42
N LEU B 164 4.85 6.46 -1.53
CA LEU B 164 4.67 6.14 -0.10
C LEU B 164 3.23 6.44 0.38
N ILE B 165 2.80 7.67 0.18
CA ILE B 165 1.48 8.14 0.67
C ILE B 165 0.34 7.29 0.10
N SER B 166 0.35 7.16 -1.21
CA SER B 166 -0.64 6.32 -1.91
C SER B 166 -0.64 4.87 -1.50
N SER B 167 0.54 4.30 -1.31
CA SER B 167 0.66 2.89 -0.92
C SER B 167 0.04 2.71 0.43
N LEU B 168 0.31 3.63 1.36
CA LEU B 168 -0.22 3.52 2.73
C LEU B 168 -1.75 3.66 2.72
N ILE B 169 -2.23 4.58 1.89
CA ILE B 169 -3.69 4.84 1.80
C ILE B 169 -4.40 3.64 1.18
N THR B 170 -3.87 3.09 0.08
CA THR B 170 -4.52 1.92 -0.52
C THR B 170 -4.53 0.70 0.43
N ALA B 171 -3.42 0.48 1.14
CA ALA B 171 -3.34 -0.66 2.05
C ALA B 171 -4.32 -0.56 3.20
N GLU B 172 -4.51 0.64 3.73
CA GLU B 172 -5.34 0.81 4.89
C GLU B 172 -6.83 0.51 4.62
N GLY B 173 -7.28 0.78 3.40
CA GLY B 173 -8.69 0.68 3.11
C GLY B 173 -9.20 -0.64 2.53
N GLY B 174 -8.30 -1.48 1.99
CA GLY B 174 -8.69 -2.75 1.39
C GLY B 174 -9.39 -2.61 0.04
N GLN B 189 -8.87 -11.05 16.91
CA GLN B 189 -9.61 -11.51 15.72
C GLN B 189 -9.15 -12.90 15.18
N PHE B 190 -8.25 -12.93 14.20
CA PHE B 190 -7.73 -14.20 13.70
C PHE B 190 -6.49 -14.68 14.49
N ARG B 191 -6.04 -15.92 14.23
CA ARG B 191 -5.01 -16.55 15.06
C ARG B 191 -3.67 -15.85 14.95
N VAL B 192 -3.12 -15.38 16.08
CA VAL B 192 -1.86 -14.66 16.07
C VAL B 192 -0.66 -15.63 15.96
N ALA B 193 0.39 -15.22 15.21
CA ALA B 193 1.57 -16.09 14.92
C ALA B 193 2.21 -16.70 16.19
N VAL B 194 2.35 -15.91 17.26
CA VAL B 194 3.09 -16.42 18.42
C VAL B 194 2.41 -17.59 19.17
N LEU B 195 1.09 -17.70 18.98
CA LEU B 195 0.32 -18.68 19.77
C LEU B 195 0.72 -20.05 19.33
N GLY B 196 1.45 -20.77 20.18
CA GLY B 196 1.89 -22.12 19.89
C GLY B 196 3.37 -22.16 19.51
N ALA B 197 3.99 -20.99 19.32
CA ALA B 197 5.43 -20.91 18.98
C ALA B 197 6.32 -21.42 20.08
N ASP B 198 7.32 -22.21 19.73
CA ASP B 198 8.31 -22.70 20.70
C ASP B 198 9.13 -21.49 21.18
N PRO B 199 9.17 -21.24 22.51
CA PRO B 199 9.93 -20.03 22.93
C PRO B 199 11.43 -20.20 22.84
N GLU B 200 11.95 -21.44 22.79
CA GLU B 200 13.38 -21.60 22.53
C GLU B 200 13.73 -21.35 21.07
N ARG B 201 12.84 -21.67 20.13
CA ARG B 201 13.13 -21.43 18.67
C ARG B 201 12.87 -19.95 18.34
N PHE B 202 11.94 -19.36 19.08
CA PHE B 202 11.52 -17.97 18.75
C PHE B 202 11.54 -17.05 19.97
N PRO B 203 12.75 -16.81 20.53
CA PRO B 203 12.84 -16.07 21.79
C PRO B 203 12.38 -14.65 21.71
N ALA B 204 12.70 -13.98 20.59
CA ALA B 204 12.30 -12.59 20.46
C ALA B 204 10.78 -12.50 20.33
N LEU B 205 10.22 -13.37 19.52
CA LEU B 205 8.78 -13.33 19.29
C LEU B 205 8.04 -13.56 20.61
N SER B 206 8.46 -14.59 21.34
CA SER B 206 7.86 -14.92 22.62
C SER B 206 7.98 -13.75 23.62
N HIS B 207 9.12 -13.07 23.60
CA HIS B 207 9.44 -11.95 24.50
C HIS B 207 8.49 -10.79 24.22
N PHE B 208 8.28 -10.46 22.94
CA PHE B 208 7.51 -9.27 22.49
C PHE B 208 6.05 -9.50 22.12
N ALA B 209 5.71 -10.72 21.69
CA ALA B 209 4.46 -10.83 20.91
C ALA B 209 3.15 -10.36 21.65
N ARG B 210 3.10 -10.48 22.96
CA ARG B 210 2.03 -9.90 23.77
C ARG B 210 1.86 -8.37 23.63
N GLU B 211 2.96 -7.68 23.36
CA GLU B 211 2.93 -6.25 23.18
C GLU B 211 2.78 -5.84 21.70
N ILE B 212 2.85 -6.78 20.77
CA ILE B 212 2.76 -6.39 19.37
C ILE B 212 1.30 -6.22 18.97
N ARG B 213 1.02 -5.06 18.36
CA ARG B 213 -0.30 -4.70 17.83
C ARG B 213 -0.58 -5.42 16.50
N PRO B 214 -1.86 -5.79 16.22
CA PRO B 214 -2.08 -6.39 14.87
C PRO B 214 -1.78 -5.37 13.75
N LEU B 215 -1.39 -5.88 12.57
CA LEU B 215 -1.04 -5.05 11.44
C LEU B 215 -2.18 -4.15 10.97
N GLY B 216 -3.42 -4.53 11.29
CA GLY B 216 -4.56 -3.70 10.89
C GLY B 216 -4.99 -2.66 11.92
N ALA B 217 -4.36 -2.66 13.10
CA ALA B 217 -4.74 -1.78 14.22
C ALA B 217 -3.89 -0.52 14.10
N ASP B 218 -4.33 0.57 14.76
CA ASP B 218 -3.51 1.80 14.88
C ASP B 218 -2.95 2.34 13.53
N ARG B 219 -3.71 2.20 12.44
CA ARG B 219 -3.18 2.59 11.10
C ARG B 219 -2.99 4.09 10.95
N GLY B 220 -3.85 4.92 11.62
CA GLY B 220 -3.67 6.39 11.58
C GLY B 220 -2.37 6.92 12.17
N ALA B 221 -2.02 6.35 13.31
CA ALA B 221 -0.74 6.73 13.95
C ALA B 221 0.44 6.23 13.11
N ALA B 222 0.33 4.98 12.63
CA ALA B 222 1.40 4.39 11.79
C ALA B 222 1.58 5.31 10.55
N PHE B 223 0.47 5.70 9.89
CA PHE B 223 0.57 6.65 8.74
C PHE B 223 1.43 7.88 9.08
N GLU B 224 1.05 8.58 10.15
CA GLU B 224 1.74 9.77 10.52
C GLU B 224 3.22 9.57 10.87
N GLU B 225 3.54 8.48 11.55
CA GLU B 225 4.92 8.21 11.98
C GLU B 225 5.82 7.78 10.82
N ILE B 226 5.24 7.05 9.91
CA ILE B 226 5.99 6.59 8.74
C ILE B 226 6.21 7.80 7.82
N LEU B 227 5.17 8.62 7.68
CA LEU B 227 5.32 9.87 6.89
C LEU B 227 6.37 10.79 7.50
N ALA B 228 6.34 10.97 8.83
CA ALA B 228 7.29 11.91 9.48
C ALA B 228 8.71 11.39 9.29
N ALA B 229 8.88 10.07 9.35
CA ALA B 229 10.21 9.46 9.15
C ALA B 229 10.69 9.84 7.74
N HIS B 230 9.78 9.72 6.79
CA HIS B 230 10.18 9.98 5.40
C HIS B 230 10.56 11.47 5.20
N LEU B 231 9.77 12.38 5.76
CA LEU B 231 10.05 13.81 5.63
C LEU B 231 11.36 14.18 6.38
N ALA B 232 11.70 13.43 7.45
CA ALA B 232 12.98 13.68 8.15
C ALA B 232 14.11 13.28 7.22
N HIS B 233 13.92 12.23 6.44
CA HIS B 233 14.93 11.81 5.43
C HIS B 233 15.13 12.92 4.36
N LEU B 234 14.01 13.50 3.92
CA LEU B 234 14.12 14.57 2.91
C LEU B 234 14.84 15.75 3.59
N GLU B 235 14.56 16.00 4.88
CA GLU B 235 15.12 17.19 5.49
C GLU B 235 16.63 16.97 5.61
N ALA B 236 17.02 15.77 6.00
CA ALA B 236 18.44 15.43 6.09
C ALA B 236 19.17 15.57 4.75
N ALA B 237 18.51 15.27 3.63
CA ALA B 237 19.05 15.43 2.27
C ALA B 237 19.09 16.91 1.80
N ALA B 238 18.28 17.79 2.40
CA ALA B 238 18.19 19.19 1.95
C ALA B 238 19.37 19.98 2.47
N PRO B 239 19.80 21.04 1.75
CA PRO B 239 20.87 21.80 2.42
C PRO B 239 20.39 22.50 3.73
#